data_9FWT
#
_entry.id   9FWT
#
_cell.length_a   43.963
_cell.length_b   99.926
_cell.length_c   51.223
_cell.angle_alpha   90
_cell.angle_beta   114.7
_cell.angle_gamma   90
#
_symmetry.space_group_name_H-M   'P 1 21 1'
#
loop_
_entity.id
_entity.type
_entity.pdbx_description
1 polymer 'Non-structural protein 10'
2 polymer 'Guanine-N7 methyltransferase nsp14'
3 non-polymer 'methyl 4,5,6,7-tetrahydro-2H-indazole-3-carboxylate'
4 non-polymer 'DIMETHYL SULFOXIDE'
5 non-polymer 'ZINC ION'
6 water water
#
loop_
_entity_poly.entity_id
_entity_poly.type
_entity_poly.pdbx_seq_one_letter_code
_entity_poly.pdbx_strand_id
1 'polypeptide(L)'
;AGNATEVPANSTVLSFCAFAVDAAKAYKDYLASGGQPITNCVKMLCTHTGTGQAITVTPEANMDQESFGGASCCLYCRCH
IDHPNPKGFCDLKGKYVQIPTTCANDPVGFTLKNTVCTVCGMWKGYGCSCD
;
A
2 'polypeptide(L)'
;MAENVTGLFKDCSKVITGLHPTQAPTHLSVDTKFKTEGLCVDIPGIPKDMTYRRLISMMGFKMNYQVNGYPNMFITREEA
IRHVRAWIGFDVEGCHATREAVGTNLPLQLGFSTGVNLVAVPTGYVDTPNNTDFSRVSAKPPPGDQFKHLIPLMYKGLPW
NVVRIKIVQMLSDTLKNLSDRVVFVLWAHGFELTSMKYFVKIGPERTCCLCDRRATCFSTASDTYACWHHSIGFDYVYNP
FMIDVQQWGFTGNLQSNHDLYCQVHGNAHVASCDAIMTRCLAVHECFVKR
;
B
#
# COMPACT_ATOMS: atom_id res chain seq x y z
N ALA A 1 -0.54 1.68 -20.29
CA ALA A 1 0.89 1.34 -20.24
C ALA A 1 1.17 0.50 -19.00
N GLY A 2 2.08 -0.46 -19.11
CA GLY A 2 2.41 -1.31 -17.99
C GLY A 2 1.80 -2.70 -18.10
N ASN A 3 2.15 -3.58 -17.16
CA ASN A 3 1.67 -4.94 -17.14
C ASN A 3 1.11 -5.28 -15.77
N ALA A 4 -0.17 -5.70 -15.71
CA ALA A 4 -0.81 -6.02 -14.44
C ALA A 4 -0.12 -7.19 -13.72
N THR A 5 -0.01 -7.08 -12.41
CA THR A 5 0.48 -8.19 -11.59
C THR A 5 -0.64 -8.83 -10.78
N GLU A 6 -1.75 -8.11 -10.54
CA GLU A 6 -2.76 -8.63 -9.62
C GLU A 6 -4.17 -8.77 -10.19
N VAL A 7 -4.96 -9.58 -9.48
CA VAL A 7 -6.36 -9.86 -9.81
C VAL A 7 -7.29 -9.20 -8.78
N PRO A 8 -8.53 -8.88 -9.20
CA PRO A 8 -9.45 -8.19 -8.30
C PRO A 8 -9.75 -8.90 -6.99
N ALA A 9 -9.70 -10.23 -6.96
CA ALA A 9 -10.00 -11.00 -5.74
C ALA A 9 -9.04 -10.66 -4.58
N ASN A 10 -7.83 -10.14 -4.90
CA ASN A 10 -6.85 -9.79 -3.87
C ASN A 10 -6.83 -8.31 -3.54
N SER A 11 -7.58 -7.44 -4.29
CA SER A 11 -7.52 -5.99 -4.03
C SER A 11 -7.78 -5.59 -2.59
N THR A 12 -8.85 -6.10 -1.98
CA THR A 12 -9.17 -5.70 -0.61
C THR A 12 -8.08 -6.10 0.38
N VAL A 13 -7.72 -7.39 0.40
CA VAL A 13 -6.75 -7.84 1.40
C VAL A 13 -5.40 -7.15 1.24
N LEU A 14 -4.94 -6.97 -0.02
CA LEU A 14 -3.65 -6.32 -0.22
C LEU A 14 -3.68 -4.85 0.16
N SER A 15 -4.82 -4.15 -0.09
CA SER A 15 -4.91 -2.73 0.31
C SER A 15 -4.85 -2.61 1.85
N PHE A 16 -5.62 -3.46 2.56
CA PHE A 16 -5.69 -3.50 4.00
C PHE A 16 -4.29 -3.72 4.61
N CYS A 17 -3.58 -4.74 4.12
CA CYS A 17 -2.26 -5.04 4.62
C CYS A 17 -1.21 -4.00 4.20
N ALA A 18 -1.37 -3.36 3.03
CA ALA A 18 -0.38 -2.33 2.59
C ALA A 18 -0.42 -1.09 3.46
N PHE A 19 -1.55 -0.84 4.13
CA PHE A 19 -1.68 0.33 5.00
C PHE A 19 -1.47 0.01 6.47
N ALA A 20 -1.49 -1.27 6.86
CA ALA A 20 -1.43 -1.60 8.29
C ALA A 20 -0.10 -1.30 8.98
N VAL A 21 -0.14 -0.90 10.27
CA VAL A 21 1.10 -0.79 11.05
C VAL A 21 1.73 -2.22 11.13
N ASP A 22 0.91 -3.20 11.43
CA ASP A 22 1.36 -4.60 11.59
C ASP A 22 0.68 -5.43 10.52
N ALA A 23 1.38 -5.63 9.38
CA ALA A 23 0.77 -6.30 8.23
C ALA A 23 0.46 -7.76 8.51
N ALA A 24 1.34 -8.46 9.23
CA ALA A 24 1.09 -9.87 9.54
C ALA A 24 -0.17 -10.02 10.40
N LYS A 25 -0.32 -9.13 11.42
CA LYS A 25 -1.52 -9.16 12.27
C LYS A 25 -2.77 -8.83 11.46
N ALA A 26 -2.67 -7.85 10.54
CA ALA A 26 -3.82 -7.49 9.70
C ALA A 26 -4.22 -8.67 8.84
N TYR A 27 -3.25 -9.40 8.23
CA TYR A 27 -3.62 -10.54 7.40
C TYR A 27 -4.36 -11.62 8.24
N LYS A 28 -3.83 -11.92 9.42
CA LYS A 28 -4.42 -12.91 10.37
C LYS A 28 -5.84 -12.48 10.72
N ASP A 29 -6.02 -11.20 11.05
CA ASP A 29 -7.34 -10.67 11.41
C ASP A 29 -8.33 -10.68 10.25
N TYR A 30 -7.85 -10.37 9.05
CA TYR A 30 -8.66 -10.39 7.83
C TYR A 30 -9.23 -11.81 7.62
N LEU A 31 -8.39 -12.83 7.82
CA LEU A 31 -8.82 -14.21 7.67
C LEU A 31 -9.83 -14.55 8.76
N ALA A 32 -9.55 -14.16 10.01
CA ALA A 32 -10.47 -14.47 11.12
C ALA A 32 -11.83 -13.82 10.98
N SER A 33 -11.92 -12.68 10.24
CA SER A 33 -13.22 -12.07 9.98
C SER A 33 -13.92 -12.61 8.73
N GLY A 34 -13.42 -13.72 8.15
CA GLY A 34 -14.05 -14.36 7.01
C GLY A 34 -13.51 -14.05 5.62
N GLY A 35 -12.38 -13.34 5.57
CA GLY A 35 -11.78 -12.99 4.29
C GLY A 35 -11.12 -14.18 3.62
N GLN A 36 -10.97 -14.12 2.30
CA GLN A 36 -10.34 -15.20 1.54
C GLN A 36 -8.82 -15.01 1.56
N PRO A 37 -8.08 -16.13 1.63
CA PRO A 37 -6.62 -16.02 1.57
C PRO A 37 -6.16 -15.45 0.22
N ILE A 38 -4.96 -14.86 0.22
CA ILE A 38 -4.33 -14.32 -0.98
C ILE A 38 -4.16 -15.43 -2.03
N THR A 39 -4.62 -15.17 -3.24
CA THR A 39 -4.53 -16.12 -4.34
C THR A 39 -3.53 -15.60 -5.36
N ASN A 40 -3.45 -16.21 -6.59
CA ASN A 40 -2.52 -15.73 -7.60
C ASN A 40 -1.06 -15.93 -7.17
N CYS A 41 -0.78 -16.96 -6.32
CA CYS A 41 0.60 -17.31 -5.96
C CYS A 41 1.22 -18.08 -7.15
N VAL A 42 2.55 -18.23 -7.12
CA VAL A 42 3.25 -18.92 -8.19
C VAL A 42 3.39 -20.38 -7.76
N LYS A 43 2.47 -21.22 -8.20
CA LYS A 43 2.51 -22.64 -7.84
C LYS A 43 3.25 -23.38 -8.94
N MET A 44 4.17 -24.28 -8.54
CA MET A 44 5.00 -24.98 -9.51
C MET A 44 4.51 -26.39 -9.85
N LEU A 45 4.83 -26.80 -11.07
CA LEU A 45 4.65 -28.14 -11.59
C LEU A 45 5.97 -28.83 -11.27
N CYS A 46 5.93 -29.95 -10.53
CA CYS A 46 7.16 -30.64 -10.18
C CYS A 46 6.92 -32.17 -10.11
N THR A 47 7.96 -32.94 -9.84
CA THR A 47 7.83 -34.40 -9.77
C THR A 47 7.53 -34.92 -8.37
N HIS A 48 7.41 -34.03 -7.35
CA HIS A 48 7.14 -34.48 -5.97
C HIS A 48 8.07 -35.58 -5.47
N THR A 49 9.33 -35.57 -5.93
CA THR A 49 10.38 -36.47 -5.44
C THR A 49 11.54 -35.68 -4.84
N GLY A 50 11.24 -34.47 -4.32
CA GLY A 50 12.27 -33.61 -3.76
C GLY A 50 12.68 -33.92 -2.33
N THR A 51 13.62 -33.13 -1.80
CA THR A 51 14.13 -33.31 -0.46
C THR A 51 13.13 -32.97 0.64
N GLY A 52 12.13 -32.15 0.33
CA GLY A 52 11.16 -31.72 1.34
C GLY A 52 11.64 -30.55 2.18
N GLN A 53 12.87 -30.04 1.95
CA GLN A 53 13.36 -28.88 2.72
C GLN A 53 12.48 -27.66 2.43
N ALA A 54 12.36 -26.79 3.43
CA ALA A 54 11.46 -25.65 3.35
C ALA A 54 11.80 -24.62 2.27
N ILE A 55 13.06 -24.15 2.20
CA ILE A 55 13.46 -23.06 1.30
C ILE A 55 14.63 -23.52 0.47
N THR A 56 14.41 -23.61 -0.85
CA THR A 56 15.39 -24.21 -1.74
C THR A 56 15.65 -23.45 -3.05
N VAL A 57 16.73 -23.80 -3.76
CA VAL A 57 17.11 -23.15 -5.00
C VAL A 57 16.22 -23.54 -6.18
N THR A 58 15.81 -24.80 -6.21
CA THR A 58 14.89 -25.34 -7.22
C THR A 58 13.73 -26.02 -6.48
N PRO A 59 12.61 -26.31 -7.17
CA PRO A 59 11.48 -26.95 -6.46
C PRO A 59 11.88 -28.27 -5.84
N GLU A 60 11.54 -28.45 -4.57
CA GLU A 60 11.93 -29.65 -3.79
C GLU A 60 10.79 -30.28 -3.04
N ALA A 61 9.55 -30.13 -3.55
CA ALA A 61 8.38 -30.72 -2.88
C ALA A 61 8.51 -32.22 -2.80
N ASN A 62 8.17 -32.77 -1.65
CA ASN A 62 8.07 -34.22 -1.49
C ASN A 62 6.55 -34.59 -1.73
N MET A 63 6.12 -35.82 -1.42
CA MET A 63 4.72 -36.20 -1.70
C MET A 63 3.71 -35.56 -0.72
N ASP A 64 4.19 -34.95 0.36
CA ASP A 64 3.30 -34.28 1.30
C ASP A 64 3.24 -32.78 1.08
N GLN A 65 3.91 -32.25 0.01
CA GLN A 65 4.02 -30.81 -0.18
C GLN A 65 3.65 -30.32 -1.56
N GLU A 66 3.62 -28.98 -1.72
CA GLU A 66 3.57 -28.29 -2.99
C GLU A 66 4.74 -27.29 -3.05
N SER A 67 5.27 -26.99 -4.23
CA SER A 67 6.36 -26.03 -4.35
C SER A 67 5.79 -24.73 -4.90
N PHE A 68 6.20 -23.60 -4.34
CA PHE A 68 5.79 -22.27 -4.84
C PHE A 68 6.98 -21.38 -5.04
N GLY A 69 6.84 -20.38 -5.93
CA GLY A 69 7.85 -19.32 -6.04
C GLY A 69 7.84 -18.53 -4.72
N GLY A 70 9.01 -18.30 -4.14
CA GLY A 70 9.14 -17.73 -2.81
C GLY A 70 8.54 -16.35 -2.62
N ALA A 71 8.82 -15.41 -3.56
CA ALA A 71 8.26 -14.05 -3.41
C ALA A 71 6.74 -14.07 -3.34
N SER A 72 6.12 -14.99 -4.09
CA SER A 72 4.66 -15.04 -4.14
C SER A 72 4.02 -15.55 -2.84
N CYS A 73 4.81 -16.16 -1.95
CA CYS A 73 4.29 -16.62 -0.65
C CYS A 73 4.67 -15.67 0.47
N CYS A 74 5.22 -14.50 0.17
CA CYS A 74 5.68 -13.59 1.20
C CYS A 74 4.76 -12.38 1.24
N LEU A 75 4.08 -12.17 2.38
CA LEU A 75 3.14 -11.04 2.50
C LEU A 75 3.81 -9.70 2.18
N TYR A 76 5.08 -9.53 2.58
CA TYR A 76 5.78 -8.28 2.38
C TYR A 76 6.10 -8.04 0.91
N CYS A 77 6.46 -9.10 0.19
CA CYS A 77 6.65 -9.00 -1.26
C CYS A 77 5.29 -8.70 -1.94
N ARG A 78 4.24 -9.39 -1.53
CA ARG A 78 2.91 -9.24 -2.18
C ARG A 78 2.32 -7.84 -2.03
N CYS A 79 2.60 -7.21 -0.87
CA CYS A 79 2.06 -5.88 -0.57
C CYS A 79 3.05 -4.77 -0.92
N HIS A 80 4.30 -5.13 -1.29
CA HIS A 80 5.35 -4.16 -1.65
C HIS A 80 5.67 -3.26 -0.48
N ILE A 81 5.76 -3.87 0.72
CA ILE A 81 6.03 -3.14 1.96
C ILE A 81 7.36 -3.61 2.60
N ASP A 82 7.80 -2.91 3.64
CA ASP A 82 9.04 -3.26 4.33
C ASP A 82 9.01 -4.64 4.90
N HIS A 83 10.18 -5.33 4.85
CA HIS A 83 10.31 -6.64 5.45
C HIS A 83 10.74 -6.39 6.89
N PRO A 84 10.19 -7.14 7.85
CA PRO A 84 10.54 -6.88 9.27
C PRO A 84 11.87 -7.48 9.74
N ASN A 85 12.88 -7.47 8.88
CA ASN A 85 14.26 -7.91 9.14
C ASN A 85 15.10 -6.66 9.49
N PRO A 86 16.29 -6.80 10.12
CA PRO A 86 17.12 -5.60 10.38
C PRO A 86 17.53 -4.91 9.08
N LYS A 87 18.04 -5.67 8.09
CA LYS A 87 18.46 -5.06 6.81
C LYS A 87 17.34 -4.88 5.77
N GLY A 88 16.12 -5.30 6.11
CA GLY A 88 14.96 -5.14 5.24
C GLY A 88 14.96 -6.00 3.99
N PHE A 89 15.73 -7.09 3.97
CA PHE A 89 15.80 -7.97 2.80
C PHE A 89 14.94 -9.23 3.01
N CYS A 90 14.53 -9.88 1.93
CA CYS A 90 13.64 -11.03 1.98
C CYS A 90 14.40 -12.36 1.97
N ASP A 91 13.93 -13.32 2.75
CA ASP A 91 14.52 -14.67 2.74
C ASP A 91 13.78 -15.62 1.80
N LEU A 92 12.62 -15.22 1.24
CA LEU A 92 11.87 -16.13 0.35
C LEU A 92 12.05 -15.75 -1.12
N LYS A 93 12.07 -14.43 -1.43
CA LYS A 93 12.25 -14.00 -2.82
C LYS A 93 13.58 -14.52 -3.39
N GLY A 94 13.53 -15.13 -4.57
CA GLY A 94 14.71 -15.72 -5.20
C GLY A 94 14.89 -17.19 -4.86
N LYS A 95 13.97 -17.76 -4.05
CA LYS A 95 13.98 -19.17 -3.68
C LYS A 95 12.60 -19.77 -4.00
N TYR A 96 12.49 -21.09 -3.87
CA TYR A 96 11.23 -21.81 -3.91
C TYR A 96 10.92 -22.19 -2.48
N VAL A 97 9.63 -22.20 -2.13
CA VAL A 97 9.20 -22.54 -0.81
C VAL A 97 8.29 -23.76 -0.90
N GLN A 98 8.58 -24.77 -0.07
CA GLN A 98 7.75 -25.98 -0.03
C GLN A 98 6.71 -25.80 1.09
N ILE A 99 5.44 -26.06 0.78
CA ILE A 99 4.33 -25.86 1.71
C ILE A 99 3.59 -27.18 1.85
N PRO A 100 3.29 -27.63 3.08
CA PRO A 100 2.51 -28.86 3.26
C PRO A 100 1.21 -28.78 2.47
N THR A 101 0.83 -29.85 1.76
N THR A 101 0.83 -29.85 1.73
CA THR A 101 -0.38 -29.85 0.94
CA THR A 101 -0.37 -29.83 0.88
C THR A 101 -1.63 -29.44 1.70
C THR A 101 -1.65 -29.50 1.68
N THR A 102 -1.69 -29.80 2.98
CA THR A 102 -2.85 -29.47 3.84
C THR A 102 -2.97 -27.95 4.10
N CYS A 103 -1.88 -27.21 3.90
CA CYS A 103 -1.83 -25.76 4.10
C CYS A 103 -1.72 -24.98 2.78
N ALA A 104 -1.70 -25.67 1.62
CA ALA A 104 -1.47 -25.07 0.31
C ALA A 104 -2.56 -24.12 -0.18
N ASN A 105 -3.73 -24.10 0.46
CA ASN A 105 -4.78 -23.12 0.12
C ASN A 105 -4.37 -21.69 0.60
N ASP A 106 -3.41 -21.59 1.54
CA ASP A 106 -2.98 -20.28 2.02
C ASP A 106 -1.46 -20.22 2.23
N PRO A 107 -0.68 -20.25 1.15
CA PRO A 107 0.79 -20.22 1.31
C PRO A 107 1.32 -18.97 2.03
N VAL A 108 0.67 -17.79 1.79
CA VAL A 108 1.15 -16.59 2.47
C VAL A 108 0.97 -16.69 3.99
N GLY A 109 -0.20 -17.15 4.42
CA GLY A 109 -0.49 -17.32 5.85
C GLY A 109 0.43 -18.38 6.47
N PHE A 110 0.76 -19.41 5.69
CA PHE A 110 1.64 -20.46 6.20
C PHE A 110 3.01 -19.93 6.55
N THR A 111 3.62 -19.16 5.63
CA THR A 111 4.96 -18.64 5.89
C THR A 111 4.98 -17.59 6.99
N LEU A 112 3.84 -16.89 7.21
CA LEU A 112 3.78 -15.90 8.28
C LEU A 112 3.79 -16.58 9.64
N LYS A 113 3.33 -17.81 9.79
N LYS A 113 3.17 -17.75 9.76
CA LYS A 113 3.17 -18.37 11.16
CA LYS A 113 2.98 -18.41 11.06
C LYS A 113 4.17 -19.46 11.54
C LYS A 113 4.01 -19.44 11.41
N ASN A 114 5.01 -19.92 10.61
N ASN A 114 4.82 -19.88 10.44
CA ASN A 114 5.81 -21.12 10.91
CA ASN A 114 5.73 -21.00 10.70
C ASN A 114 7.32 -20.86 10.91
C ASN A 114 7.20 -20.66 10.66
N THR A 115 8.08 -21.84 11.40
N THR A 115 8.04 -21.59 11.17
CA THR A 115 9.55 -21.68 11.51
CA THR A 115 9.47 -21.41 11.31
C THR A 115 10.25 -22.86 10.84
C THR A 115 10.26 -22.59 10.74
N VAL A 116 11.48 -22.62 10.43
N VAL A 116 11.40 -22.31 10.10
CA VAL A 116 12.29 -23.68 9.79
CA VAL A 116 12.26 -23.34 9.53
C VAL A 116 13.39 -24.01 10.79
C VAL A 116 13.33 -23.69 10.56
N CYS A 117 13.65 -25.30 10.97
N CYS A 117 13.56 -24.98 10.75
CA CYS A 117 14.76 -25.64 11.87
CA CYS A 117 14.63 -25.45 11.62
C CYS A 117 16.09 -25.45 11.13
C CYS A 117 15.98 -25.21 10.93
N THR A 118 16.93 -24.53 11.60
CA THR A 118 18.24 -24.23 11.00
C THR A 118 19.14 -25.46 10.87
N VAL A 119 18.90 -26.50 11.65
CA VAL A 119 19.71 -27.71 11.61
C VAL A 119 19.37 -28.61 10.44
N CYS A 120 18.10 -29.00 10.29
CA CYS A 120 17.69 -29.93 9.24
C CYS A 120 17.09 -29.24 7.99
N GLY A 121 16.75 -27.96 8.09
CA GLY A 121 16.19 -27.23 6.94
C GLY A 121 14.72 -27.46 6.66
N MET A 122 14.03 -28.23 7.52
CA MET A 122 12.62 -28.51 7.32
C MET A 122 11.72 -27.70 8.27
N TRP A 123 10.40 -27.57 7.95
CA TRP A 123 9.52 -26.74 8.79
C TRP A 123 9.30 -27.37 10.17
N LYS A 124 9.33 -26.55 11.24
CA LYS A 124 9.04 -27.01 12.60
C LYS A 124 7.56 -27.43 12.64
N GLY A 125 7.31 -28.64 13.08
CA GLY A 125 5.96 -29.20 13.14
C GLY A 125 5.48 -29.81 11.83
N TYR A 126 6.25 -29.65 10.73
CA TYR A 126 5.91 -30.16 9.39
C TYR A 126 7.13 -30.76 8.69
N GLY A 127 7.85 -31.63 9.38
CA GLY A 127 9.00 -32.29 8.79
C GLY A 127 10.28 -32.25 9.58
N CYS A 128 10.42 -31.30 10.52
CA CYS A 128 11.63 -31.20 11.32
C CYS A 128 11.91 -32.49 12.08
N SER A 129 13.13 -33.05 11.90
CA SER A 129 13.56 -34.30 12.54
C SER A 129 14.48 -34.05 13.74
N CYS A 130 14.40 -32.88 14.39
CA CYS A 130 15.28 -32.58 15.51
C CYS A 130 14.72 -33.01 16.88
N ASP A 131 13.41 -32.90 17.13
CA ASP A 131 12.84 -33.33 18.42
C ASP A 131 11.39 -33.78 18.33
N ASN B 4 -9.49 -11.47 -15.85
CA ASN B 4 -9.76 -10.29 -15.02
C ASN B 4 -8.53 -9.88 -14.19
N VAL B 5 -8.08 -8.64 -14.41
CA VAL B 5 -6.93 -8.09 -13.69
C VAL B 5 -7.31 -6.72 -13.07
N THR B 6 -6.43 -6.18 -12.22
CA THR B 6 -6.61 -4.85 -11.67
C THR B 6 -5.34 -4.02 -11.97
N GLY B 7 -5.46 -2.70 -11.89
CA GLY B 7 -4.32 -1.83 -12.05
C GLY B 7 -3.49 -1.71 -10.77
N LEU B 8 -4.02 -2.19 -9.63
CA LEU B 8 -3.31 -2.12 -8.36
C LEU B 8 -2.05 -2.96 -8.44
N PHE B 9 -0.91 -2.35 -8.13
CA PHE B 9 0.38 -3.04 -8.18
C PHE B 9 0.78 -3.38 -9.63
N LYS B 10 0.29 -2.57 -10.60
CA LYS B 10 0.71 -2.79 -12.01
C LYS B 10 2.23 -2.55 -12.11
N ASP B 11 2.92 -3.39 -12.86
CA ASP B 11 4.35 -3.22 -13.10
C ASP B 11 4.50 -2.20 -14.22
N CYS B 12 5.05 -1.05 -13.89
CA CYS B 12 5.24 0.08 -14.80
C CYS B 12 6.60 0.10 -15.47
N SER B 13 7.42 -0.94 -15.31
CA SER B 13 8.74 -0.94 -15.94
C SER B 13 8.61 -1.05 -17.47
N LYS B 14 9.72 -0.79 -18.18
CA LYS B 14 9.71 -0.95 -19.64
C LYS B 14 10.32 -2.30 -20.08
N VAL B 15 10.65 -3.20 -19.12
CA VAL B 15 11.18 -4.53 -19.40
C VAL B 15 10.07 -5.31 -20.12
N ILE B 16 10.40 -5.87 -21.29
CA ILE B 16 9.45 -6.59 -22.13
C ILE B 16 9.00 -7.90 -21.47
N THR B 17 9.95 -8.60 -20.87
CA THR B 17 9.67 -9.89 -20.25
C THR B 17 9.18 -9.78 -18.78
N GLY B 18 8.53 -10.85 -18.32
CA GLY B 18 8.07 -11.03 -16.95
C GLY B 18 9.21 -11.52 -16.07
N LEU B 19 8.87 -11.99 -14.85
CA LEU B 19 9.90 -12.39 -13.89
C LEU B 19 10.11 -13.90 -13.78
N HIS B 20 11.26 -14.29 -13.22
CA HIS B 20 11.57 -15.68 -12.90
C HIS B 20 10.55 -16.17 -11.85
N PRO B 21 10.13 -17.45 -11.86
CA PRO B 21 9.14 -17.91 -10.86
C PRO B 21 9.48 -17.61 -9.39
N THR B 22 10.78 -17.60 -9.01
CA THR B 22 11.14 -17.34 -7.61
C THR B 22 11.03 -15.85 -7.24
N GLN B 23 11.01 -14.96 -8.24
CA GLN B 23 11.06 -13.51 -8.02
C GLN B 23 9.74 -12.78 -8.30
N ALA B 24 8.91 -13.39 -9.14
CA ALA B 24 7.62 -12.80 -9.49
C ALA B 24 6.72 -12.76 -8.24
N PRO B 25 6.10 -11.62 -7.90
CA PRO B 25 5.19 -11.62 -6.74
C PRO B 25 3.93 -12.46 -6.99
N THR B 26 3.55 -12.69 -8.25
CA THR B 26 2.31 -13.37 -8.60
C THR B 26 2.47 -14.24 -9.85
N HIS B 27 1.52 -15.17 -10.05
CA HIS B 27 1.51 -16.02 -11.25
C HIS B 27 1.40 -15.12 -12.50
N LEU B 28 0.50 -14.10 -12.47
CA LEU B 28 0.38 -13.19 -13.60
C LEU B 28 1.71 -12.57 -14.02
N SER B 29 2.53 -12.16 -13.03
CA SER B 29 3.80 -11.52 -13.33
C SER B 29 4.95 -12.46 -13.76
N VAL B 30 4.79 -13.80 -13.63
CA VAL B 30 5.84 -14.73 -14.13
C VAL B 30 5.88 -14.60 -15.67
N ASP B 31 7.07 -14.63 -16.25
CA ASP B 31 7.20 -14.57 -17.71
C ASP B 31 6.53 -15.77 -18.36
N THR B 32 5.92 -15.53 -19.53
N THR B 32 5.89 -15.54 -19.53
CA THR B 32 5.21 -16.56 -20.30
CA THR B 32 5.20 -16.58 -20.30
C THR B 32 6.04 -17.82 -20.51
C THR B 32 6.04 -17.82 -20.54
N LYS B 33 7.37 -17.67 -20.66
CA LYS B 33 8.24 -18.83 -20.95
C LYS B 33 8.18 -19.95 -19.89
N PHE B 34 7.81 -19.60 -18.65
CA PHE B 34 7.72 -20.58 -17.58
C PHE B 34 6.30 -21.16 -17.41
N LYS B 35 5.31 -20.69 -18.18
CA LYS B 35 3.94 -21.13 -17.99
C LYS B 35 3.55 -22.29 -18.84
N THR B 36 3.07 -23.34 -18.21
CA THR B 36 2.63 -24.54 -18.92
C THR B 36 1.73 -25.36 -18.04
N GLU B 37 0.76 -26.06 -18.66
CA GLU B 37 -0.10 -26.98 -17.96
C GLU B 37 -0.79 -26.37 -16.73
N GLY B 38 -1.22 -25.14 -16.88
CA GLY B 38 -1.99 -24.43 -15.85
C GLY B 38 -1.17 -23.86 -14.71
N LEU B 39 0.12 -24.16 -14.68
CA LEU B 39 1.01 -23.71 -13.58
C LEU B 39 2.32 -23.15 -14.15
N CYS B 40 3.40 -23.12 -13.33
CA CYS B 40 4.72 -22.63 -13.77
C CYS B 40 5.73 -23.75 -13.60
N VAL B 41 6.82 -23.71 -14.37
CA VAL B 41 7.90 -24.68 -14.23
C VAL B 41 9.21 -23.99 -14.02
N ASP B 42 10.12 -24.63 -13.28
CA ASP B 42 11.47 -24.14 -13.18
C ASP B 42 12.17 -24.75 -14.41
N ILE B 43 12.90 -23.92 -15.13
CA ILE B 43 13.60 -24.40 -16.30
C ILE B 43 15.07 -24.41 -16.02
N PRO B 44 15.71 -25.60 -15.96
CA PRO B 44 17.17 -25.63 -15.73
C PRO B 44 17.90 -24.80 -16.79
N GLY B 45 18.88 -24.02 -16.35
CA GLY B 45 19.63 -23.17 -17.27
C GLY B 45 19.07 -21.78 -17.46
N ILE B 46 17.84 -21.50 -16.93
CA ILE B 46 17.24 -20.16 -17.06
C ILE B 46 17.35 -19.51 -15.70
N PRO B 47 18.24 -18.53 -15.57
CA PRO B 47 18.52 -17.99 -14.23
C PRO B 47 17.58 -16.88 -13.79
N LYS B 48 17.62 -16.57 -12.50
CA LYS B 48 16.95 -15.40 -11.93
C LYS B 48 17.68 -14.14 -12.44
N ASP B 49 17.01 -12.98 -12.36
CA ASP B 49 17.55 -11.68 -12.76
C ASP B 49 18.00 -10.98 -11.48
N MET B 50 19.31 -10.71 -11.34
CA MET B 50 19.79 -10.11 -10.10
C MET B 50 20.02 -8.60 -10.12
N THR B 51 19.52 -7.88 -11.12
CA THR B 51 19.73 -6.43 -11.19
C THR B 51 18.49 -5.56 -11.48
N TYR B 52 17.29 -6.13 -11.49
CA TYR B 52 16.12 -5.37 -11.90
C TYR B 52 15.64 -4.33 -10.88
N ARG B 53 14.96 -3.31 -11.40
CA ARG B 53 14.28 -2.27 -10.63
C ARG B 53 12.97 -2.07 -11.38
N ARG B 54 11.87 -2.53 -10.78
CA ARG B 54 10.57 -2.46 -11.43
C ARG B 54 9.61 -1.59 -10.62
N LEU B 55 9.20 -0.42 -11.18
CA LEU B 55 8.31 0.47 -10.43
C LEU B 55 6.94 -0.18 -10.36
N ILE B 56 6.33 -0.19 -9.15
CA ILE B 56 5.03 -0.84 -8.93
C ILE B 56 4.01 0.21 -8.59
N SER B 57 2.93 0.29 -9.36
CA SER B 57 1.92 1.32 -9.17
C SER B 57 1.11 1.18 -7.91
N MET B 58 0.91 2.29 -7.18
CA MET B 58 0.07 2.30 -5.98
C MET B 58 -1.32 2.89 -6.29
N MET B 59 -1.75 2.86 -7.57
CA MET B 59 -3.06 3.38 -7.95
C MET B 59 -4.05 2.22 -7.89
N GLY B 60 -5.19 2.44 -7.26
CA GLY B 60 -6.25 1.44 -7.23
C GLY B 60 -6.53 0.72 -5.93
N PHE B 61 -6.16 1.34 -4.78
CA PHE B 61 -6.45 0.72 -3.48
C PHE B 61 -7.95 0.62 -3.25
N LYS B 62 -8.38 -0.40 -2.56
CA LYS B 62 -9.81 -0.61 -2.26
C LYS B 62 -9.93 -0.82 -0.78
N MET B 63 -10.42 0.19 -0.05
CA MET B 63 -10.51 0.08 1.41
C MET B 63 -11.89 -0.35 1.86
N ASN B 64 -12.41 -1.42 1.25
CA ASN B 64 -13.76 -1.93 1.51
C ASN B 64 -13.80 -3.21 2.36
N TYR B 65 -12.80 -3.42 3.18
CA TYR B 65 -12.77 -4.55 4.09
C TYR B 65 -13.71 -4.29 5.28
N GLN B 66 -14.05 -5.37 6.03
CA GLN B 66 -14.85 -5.30 7.24
C GLN B 66 -14.16 -6.27 8.16
N VAL B 67 -13.27 -5.76 9.00
CA VAL B 67 -12.46 -6.59 9.87
C VAL B 67 -12.75 -6.14 11.27
N ASN B 68 -13.16 -7.10 12.14
CA ASN B 68 -13.50 -6.75 13.52
C ASN B 68 -12.41 -5.95 14.24
N GLY B 69 -12.79 -4.80 14.82
CA GLY B 69 -11.84 -4.00 15.58
C GLY B 69 -11.07 -2.95 14.80
N TYR B 70 -11.17 -3.00 13.47
CA TYR B 70 -10.53 -1.99 12.64
C TYR B 70 -11.65 -1.04 12.14
N PRO B 71 -11.48 0.26 12.37
CA PRO B 71 -12.52 1.21 11.93
C PRO B 71 -12.64 1.35 10.42
N ASN B 72 -13.81 1.78 9.93
CA ASN B 72 -13.98 2.09 8.53
C ASN B 72 -13.20 3.40 8.27
N MET B 73 -12.45 3.48 7.17
CA MET B 73 -11.77 4.74 6.81
C MET B 73 -12.79 5.71 6.19
N PHE B 74 -13.56 5.22 5.21
CA PHE B 74 -14.56 6.03 4.52
C PHE B 74 -15.83 6.04 5.33
N ILE B 75 -16.38 7.23 5.60
CA ILE B 75 -17.54 7.35 6.49
C ILE B 75 -18.75 7.95 5.75
N THR B 76 -19.94 7.81 6.32
CA THR B 76 -21.14 8.33 5.68
C THR B 76 -21.23 9.84 5.82
N ARG B 77 -22.07 10.47 4.99
CA ARG B 77 -22.31 11.91 5.11
C ARG B 77 -22.80 12.28 6.52
N GLU B 78 -23.71 11.45 7.09
CA GLU B 78 -24.23 11.72 8.42
C GLU B 78 -23.14 11.68 9.52
N GLU B 79 -22.24 10.69 9.45
CA GLU B 79 -21.14 10.61 10.41
C GLU B 79 -20.20 11.80 10.22
N ALA B 80 -19.92 12.16 8.96
CA ALA B 80 -19.02 13.29 8.66
C ALA B 80 -19.60 14.58 9.24
N ILE B 81 -20.93 14.76 9.08
CA ILE B 81 -21.58 15.96 9.62
C ILE B 81 -21.38 16.10 11.12
N ARG B 82 -21.52 15.00 11.91
CA ARG B 82 -21.28 15.10 13.36
C ARG B 82 -19.82 15.50 13.69
N HIS B 83 -18.90 15.19 12.76
CA HIS B 83 -17.49 15.50 12.98
C HIS B 83 -16.98 16.62 12.09
N VAL B 84 -17.82 17.62 11.83
CA VAL B 84 -17.42 18.77 11.00
C VAL B 84 -16.15 19.45 11.53
N ARG B 85 -15.95 19.48 12.88
CA ARG B 85 -14.73 20.13 13.40
C ARG B 85 -13.45 19.42 13.01
N ALA B 86 -13.54 18.14 12.63
CA ALA B 86 -12.37 17.33 12.20
C ALA B 86 -12.09 17.48 10.71
N TRP B 87 -12.95 18.20 9.94
CA TRP B 87 -12.78 18.30 8.48
C TRP B 87 -11.55 19.03 8.02
N ILE B 88 -10.77 18.36 7.18
CA ILE B 88 -9.60 18.96 6.57
C ILE B 88 -9.71 18.60 5.11
N GLY B 89 -9.90 19.58 4.23
CA GLY B 89 -9.92 19.32 2.79
C GLY B 89 -8.54 18.88 2.35
N PHE B 90 -8.47 17.94 1.42
CA PHE B 90 -7.18 17.43 0.97
C PHE B 90 -7.21 17.13 -0.53
N ASP B 91 -6.17 17.62 -1.22
CA ASP B 91 -6.02 17.42 -2.64
C ASP B 91 -4.56 17.22 -2.97
N VAL B 92 -4.28 16.41 -3.99
CA VAL B 92 -2.87 16.19 -4.38
C VAL B 92 -2.73 16.37 -5.88
N GLU B 93 -1.72 17.10 -6.30
CA GLU B 93 -1.38 17.17 -7.71
C GLU B 93 -0.18 16.24 -7.92
N GLY B 94 -0.25 15.41 -8.94
CA GLY B 94 0.80 14.44 -9.19
C GLY B 94 1.70 14.77 -10.37
N CYS B 95 2.80 14.02 -10.47
CA CYS B 95 3.70 14.03 -11.62
C CYS B 95 3.72 12.59 -12.14
N HIS B 96 4.13 12.41 -13.38
CA HIS B 96 4.06 11.11 -14.04
C HIS B 96 5.38 10.40 -14.05
N ALA B 97 5.37 9.08 -13.88
CA ALA B 97 6.61 8.29 -13.97
C ALA B 97 7.12 8.41 -15.43
N THR B 98 8.43 8.57 -15.59
N THR B 98 8.43 8.54 -15.60
CA THR B 98 9.05 8.67 -16.93
CA THR B 98 9.03 8.65 -16.92
C THR B 98 10.34 7.84 -16.98
C THR B 98 10.38 7.92 -16.98
N ARG B 99 10.92 7.72 -18.21
CA ARG B 99 12.21 7.12 -18.46
C ARG B 99 12.26 5.61 -18.16
N GLU B 100 12.74 5.19 -16.99
CA GLU B 100 12.81 3.77 -16.63
C GLU B 100 11.42 3.14 -16.37
N ALA B 101 10.37 3.96 -16.28
CA ALA B 101 9.01 3.47 -16.00
C ALA B 101 7.97 4.41 -16.62
N VAL B 102 6.77 3.89 -16.87
CA VAL B 102 5.66 4.69 -17.40
C VAL B 102 4.34 4.03 -16.99
N GLY B 103 3.35 4.84 -16.65
CA GLY B 103 2.02 4.33 -16.34
C GLY B 103 1.51 4.54 -14.92
N THR B 104 2.13 5.45 -14.16
CA THR B 104 1.65 5.72 -12.79
C THR B 104 1.92 7.17 -12.40
N ASN B 105 1.18 7.64 -11.41
CA ASN B 105 1.18 9.00 -10.90
C ASN B 105 1.87 8.97 -9.52
N LEU B 106 2.73 9.94 -9.26
CA LEU B 106 3.43 10.05 -7.97
C LEU B 106 3.04 11.38 -7.32
N PRO B 107 2.88 11.43 -6.00
CA PRO B 107 2.47 12.71 -5.36
C PRO B 107 3.57 13.76 -5.51
N LEU B 108 3.16 14.99 -5.83
CA LEU B 108 4.09 16.09 -6.01
C LEU B 108 3.72 17.21 -5.07
N GLN B 109 2.48 17.73 -5.13
CA GLN B 109 2.09 18.84 -4.25
C GLN B 109 0.88 18.43 -3.48
N LEU B 110 1.03 18.37 -2.17
CA LEU B 110 -0.04 17.97 -1.28
C LEU B 110 -0.62 19.22 -0.66
N GLY B 111 -1.90 19.46 -0.89
CA GLY B 111 -2.55 20.68 -0.42
C GLY B 111 -3.67 20.41 0.57
N PHE B 112 -3.80 21.30 1.57
CA PHE B 112 -4.80 21.11 2.64
C PHE B 112 -5.62 22.38 2.80
N SER B 113 -6.85 22.25 3.37
CA SER B 113 -7.74 23.41 3.59
C SER B 113 -7.20 24.41 4.62
N THR B 114 -6.12 24.05 5.32
CA THR B 114 -5.43 24.96 6.21
C THR B 114 -4.63 26.03 5.40
N GLY B 115 -4.54 25.88 4.07
CA GLY B 115 -3.76 26.76 3.21
C GLY B 115 -2.34 26.25 2.98
N VAL B 116 -1.97 25.12 3.60
CA VAL B 116 -0.64 24.58 3.47
C VAL B 116 -0.52 23.75 2.21
N ASN B 117 0.59 23.95 1.47
CA ASN B 117 1.04 23.11 0.35
C ASN B 117 2.40 22.56 0.72
N LEU B 118 2.57 21.23 0.60
CA LEU B 118 3.86 20.60 0.86
C LEU B 118 4.29 19.95 -0.45
N VAL B 119 5.58 20.07 -0.81
CA VAL B 119 6.05 19.51 -2.07
C VAL B 119 6.96 18.34 -1.78
N ALA B 120 6.69 17.19 -2.43
CA ALA B 120 7.52 16.00 -2.19
C ALA B 120 8.43 15.72 -3.34
N VAL B 121 9.58 15.08 -3.04
CA VAL B 121 10.43 14.54 -4.11
C VAL B 121 9.61 13.41 -4.79
N PRO B 122 9.55 13.33 -6.13
CA PRO B 122 8.81 12.22 -6.78
C PRO B 122 9.39 10.86 -6.33
N THR B 123 8.59 10.08 -5.61
CA THR B 123 9.06 8.85 -4.99
C THR B 123 8.10 7.72 -5.27
N GLY B 124 8.64 6.54 -5.54
CA GLY B 124 7.82 5.39 -5.87
C GLY B 124 8.29 4.12 -5.20
N TYR B 125 7.53 3.05 -5.40
CA TYR B 125 7.79 1.74 -4.79
C TYR B 125 8.42 0.86 -5.86
N VAL B 126 9.74 0.67 -5.76
CA VAL B 126 10.47 -0.05 -6.81
C VAL B 126 10.84 -1.47 -6.34
N ASP B 127 10.24 -2.49 -6.94
CA ASP B 127 10.60 -3.87 -6.59
C ASP B 127 11.99 -4.20 -7.10
N THR B 128 12.74 -4.91 -6.29
CA THR B 128 14.09 -5.34 -6.68
C THR B 128 14.22 -6.84 -6.37
N PRO B 129 15.38 -7.43 -6.64
CA PRO B 129 15.57 -8.86 -6.30
C PRO B 129 15.50 -9.15 -4.79
N ASN B 130 15.62 -8.12 -3.91
CA ASN B 130 15.70 -8.36 -2.47
C ASN B 130 14.61 -7.77 -1.62
N ASN B 131 13.86 -6.81 -2.17
CA ASN B 131 12.88 -6.09 -1.37
C ASN B 131 12.09 -5.11 -2.25
N THR B 132 11.32 -4.21 -1.63
CA THR B 132 10.72 -3.08 -2.35
C THR B 132 11.50 -1.87 -1.84
N ASP B 133 12.12 -1.14 -2.76
CA ASP B 133 12.90 0.04 -2.44
C ASP B 133 12.03 1.29 -2.61
N PHE B 134 11.67 1.96 -1.52
CA PHE B 134 10.87 3.18 -1.59
C PHE B 134 11.88 4.26 -1.91
N SER B 135 11.87 4.76 -3.16
CA SER B 135 12.94 5.63 -3.61
C SER B 135 12.55 6.69 -4.63
N ARG B 136 13.44 7.71 -4.80
CA ARG B 136 13.22 8.73 -5.82
C ARG B 136 13.20 8.05 -7.21
N VAL B 137 12.26 8.46 -8.05
CA VAL B 137 12.10 7.94 -9.39
C VAL B 137 12.05 9.09 -10.38
N SER B 138 12.39 8.80 -11.64
CA SER B 138 12.33 9.81 -12.69
C SER B 138 10.88 10.22 -12.90
N ALA B 139 10.63 11.53 -12.98
CA ALA B 139 9.24 11.97 -13.15
C ALA B 139 9.15 13.30 -13.90
N LYS B 140 7.97 13.61 -14.43
CA LYS B 140 7.76 14.92 -15.03
C LYS B 140 6.31 15.32 -14.82
N PRO B 141 6.04 16.64 -14.75
CA PRO B 141 4.65 17.08 -14.67
C PRO B 141 3.91 16.66 -15.93
N PRO B 142 2.57 16.49 -15.86
CA PRO B 142 1.83 16.18 -17.10
C PRO B 142 1.95 17.35 -18.08
N PRO B 143 1.98 17.10 -19.41
CA PRO B 143 2.07 18.22 -20.36
C PRO B 143 0.75 18.96 -20.49
N GLY B 144 0.83 20.26 -20.73
CA GLY B 144 -0.36 21.10 -20.85
C GLY B 144 -0.19 22.39 -20.09
N ASP B 145 -0.85 23.46 -20.57
CA ASP B 145 -0.77 24.78 -19.94
C ASP B 145 -1.41 24.80 -18.54
N GLN B 146 -2.39 23.92 -18.28
CA GLN B 146 -3.01 23.87 -16.95
C GLN B 146 -2.07 23.24 -15.88
N PHE B 147 -1.00 22.53 -16.31
CA PHE B 147 -0.02 21.90 -15.40
C PHE B 147 1.35 22.59 -15.39
N LYS B 148 1.47 23.78 -16.02
CA LYS B 148 2.71 24.54 -16.08
C LYS B 148 3.27 24.92 -14.72
N HIS B 149 2.39 25.25 -13.78
CA HIS B 149 2.79 25.67 -12.45
C HIS B 149 3.55 24.58 -11.65
N LEU B 150 3.41 23.31 -12.05
CA LEU B 150 4.12 22.22 -11.40
C LEU B 150 5.60 22.10 -11.80
N ILE B 151 5.98 22.73 -12.93
CA ILE B 151 7.36 22.65 -13.40
C ILE B 151 8.41 23.03 -12.33
N PRO B 152 8.33 24.22 -11.69
CA PRO B 152 9.35 24.55 -10.65
C PRO B 152 9.30 23.64 -9.43
N LEU B 153 8.15 23.01 -9.17
CA LEU B 153 8.02 22.11 -8.02
C LEU B 153 8.84 20.83 -8.15
N MET B 154 9.18 20.41 -9.38
CA MET B 154 10.02 19.24 -9.60
C MET B 154 11.39 19.32 -8.94
N TYR B 155 11.87 20.53 -8.60
CA TYR B 155 13.18 20.65 -7.95
C TYR B 155 13.12 21.31 -6.57
N LYS B 156 11.91 21.44 -5.99
CA LYS B 156 11.71 22.00 -4.65
C LYS B 156 11.13 20.99 -3.65
N GLY B 157 11.16 19.71 -4.01
CA GLY B 157 10.60 18.68 -3.15
C GLY B 157 11.44 18.35 -1.93
N LEU B 158 10.76 17.90 -0.88
CA LEU B 158 11.37 17.44 0.35
C LEU B 158 11.26 15.90 0.35
N PRO B 159 12.21 15.20 0.97
CA PRO B 159 12.11 13.73 1.06
C PRO B 159 10.84 13.34 1.85
N TRP B 160 10.22 12.20 1.50
CA TRP B 160 8.97 11.81 2.18
C TRP B 160 9.09 11.65 3.70
N ASN B 161 10.28 11.27 4.25
CA ASN B 161 10.40 11.18 5.71
C ASN B 161 10.20 12.54 6.35
N VAL B 162 10.56 13.64 5.64
CA VAL B 162 10.34 14.98 6.16
C VAL B 162 8.89 15.41 5.94
N VAL B 163 8.34 15.12 4.76
CA VAL B 163 6.97 15.54 4.42
C VAL B 163 5.97 14.95 5.39
N ARG B 164 6.11 13.65 5.72
CA ARG B 164 5.10 13.03 6.61
C ARG B 164 5.19 13.62 8.01
N ILE B 165 6.40 13.93 8.52
CA ILE B 165 6.48 14.63 9.82
C ILE B 165 5.72 15.98 9.77
N LYS B 166 5.87 16.72 8.66
CA LYS B 166 5.20 18.01 8.55
C LYS B 166 3.67 17.90 8.50
N ILE B 167 3.15 16.84 7.85
CA ILE B 167 1.70 16.62 7.79
C ILE B 167 1.18 16.35 9.21
N VAL B 168 1.86 15.47 9.96
CA VAL B 168 1.42 15.15 11.32
C VAL B 168 1.45 16.39 12.20
N GLN B 169 2.53 17.19 12.09
CA GLN B 169 2.64 18.43 12.88
C GLN B 169 1.51 19.40 12.54
N MET B 170 1.23 19.59 11.24
CA MET B 170 0.19 20.50 10.80
C MET B 170 -1.18 20.05 11.30
N LEU B 171 -1.51 18.75 11.09
CA LEU B 171 -2.83 18.26 11.55
C LEU B 171 -2.97 18.37 13.06
N SER B 172 -1.89 18.03 13.80
CA SER B 172 -1.93 18.08 15.26
C SER B 172 -2.15 19.52 15.74
N ASP B 173 -1.44 20.50 15.14
CA ASP B 173 -1.60 21.91 15.55
C ASP B 173 -2.98 22.42 15.23
N THR B 174 -3.53 22.02 14.10
CA THR B 174 -4.87 22.47 13.70
C THR B 174 -6.01 21.83 14.51
N LEU B 175 -5.94 20.53 14.78
CA LEU B 175 -7.05 19.76 15.35
C LEU B 175 -7.02 19.47 16.83
N LYS B 176 -5.88 19.67 17.52
CA LYS B 176 -5.78 19.24 18.91
C LYS B 176 -6.88 19.81 19.81
N ASN B 177 -7.28 21.05 19.57
CA ASN B 177 -8.37 21.63 20.39
C ASN B 177 -9.75 21.61 19.72
N LEU B 178 -9.87 20.92 18.57
CA LEU B 178 -11.12 20.84 17.81
C LEU B 178 -11.74 19.44 17.78
N SER B 179 -10.90 18.38 17.67
CA SER B 179 -11.45 17.03 17.51
C SER B 179 -10.50 15.94 17.96
N ASP B 180 -11.05 14.75 18.23
CA ASP B 180 -10.22 13.60 18.56
C ASP B 180 -9.81 12.81 17.29
N ARG B 181 -10.10 13.34 16.10
CA ARG B 181 -9.82 12.61 14.85
C ARG B 181 -9.58 13.60 13.72
N VAL B 182 -9.33 13.05 12.49
CA VAL B 182 -9.32 13.87 11.28
C VAL B 182 -10.28 13.21 10.31
N VAL B 183 -11.04 14.04 9.56
CA VAL B 183 -11.86 13.57 8.48
C VAL B 183 -11.33 14.30 7.23
N PHE B 184 -10.59 13.59 6.35
CA PHE B 184 -10.11 14.22 5.14
C PHE B 184 -11.31 14.35 4.20
N VAL B 185 -11.56 15.57 3.68
CA VAL B 185 -12.67 15.83 2.77
C VAL B 185 -12.11 15.87 1.36
N LEU B 186 -12.54 14.95 0.53
CA LEU B 186 -11.98 14.72 -0.77
C LEU B 186 -12.96 14.93 -1.91
N TRP B 187 -12.43 15.12 -3.12
CA TRP B 187 -13.25 15.20 -4.33
C TRP B 187 -12.57 14.25 -5.33
N ALA B 188 -13.19 13.12 -5.72
CA ALA B 188 -12.58 12.10 -6.63
C ALA B 188 -11.36 11.53 -5.92
N HIS B 189 -11.60 10.69 -4.91
CA HIS B 189 -10.59 10.21 -3.96
C HIS B 189 -9.43 9.30 -4.42
N GLY B 190 -9.50 8.66 -5.59
CA GLY B 190 -8.47 7.71 -5.99
C GLY B 190 -7.01 8.11 -5.73
N PHE B 191 -6.58 9.26 -6.29
CA PHE B 191 -5.19 9.69 -6.12
C PHE B 191 -4.87 10.17 -4.68
N GLU B 192 -5.91 10.68 -3.96
CA GLU B 192 -5.67 11.10 -2.58
C GLU B 192 -5.45 9.85 -1.74
N LEU B 193 -6.16 8.76 -2.03
CA LEU B 193 -5.97 7.50 -1.30
C LEU B 193 -4.60 6.89 -1.63
N THR B 194 -4.14 6.98 -2.91
CA THR B 194 -2.79 6.54 -3.26
C THR B 194 -1.74 7.38 -2.47
N SER B 195 -1.97 8.69 -2.36
CA SER B 195 -1.04 9.56 -1.63
C SER B 195 -1.01 9.25 -0.15
N MET B 196 -2.15 8.87 0.42
CA MET B 196 -2.18 8.50 1.84
C MET B 196 -1.30 7.28 2.14
N LYS B 197 -1.05 6.38 1.15
CA LYS B 197 -0.13 5.24 1.39
C LYS B 197 1.24 5.75 1.91
N TYR B 198 1.63 6.97 1.48
CA TYR B 198 2.93 7.55 1.83
C TYR B 198 2.96 8.12 3.24
N PHE B 199 1.79 8.35 3.91
CA PHE B 199 1.83 9.00 5.24
C PHE B 199 0.77 8.54 6.24
N VAL B 200 0.05 7.45 5.94
CA VAL B 200 -1.03 6.96 6.81
C VAL B 200 -0.76 5.49 7.15
N LYS B 201 -1.05 5.10 8.39
CA LYS B 201 -1.06 3.71 8.79
C LYS B 201 -2.41 3.42 9.46
N ILE B 202 -2.86 2.17 9.41
CA ILE B 202 -4.12 1.75 10.03
C ILE B 202 -3.93 0.55 10.97
N GLY B 203 -4.93 0.38 11.81
CA GLY B 203 -4.96 -0.76 12.72
C GLY B 203 -6.18 -0.65 13.62
N PRO B 204 -6.19 -1.46 14.66
CA PRO B 204 -7.30 -1.37 15.62
C PRO B 204 -7.29 0.01 16.31
N GLU B 205 -8.45 0.45 16.83
CA GLU B 205 -8.49 1.68 17.61
C GLU B 205 -7.57 1.56 18.83
N ARG B 206 -6.75 2.56 19.07
N ARG B 206 -6.75 2.56 19.07
CA ARG B 206 -5.78 2.59 20.17
CA ARG B 206 -5.78 2.58 20.18
C ARG B 206 -5.98 3.85 20.99
C ARG B 206 -5.98 3.85 20.99
N THR B 207 -5.36 3.91 22.18
CA THR B 207 -5.36 5.13 22.96
C THR B 207 -3.93 5.65 22.86
N CYS B 208 -3.74 6.93 23.12
CA CYS B 208 -2.46 7.60 23.16
C CYS B 208 -1.50 6.96 24.19
N CYS B 209 -0.18 7.19 24.03
CA CYS B 209 0.86 6.69 24.95
C CYS B 209 0.92 7.50 26.26
N LEU B 210 0.44 8.75 26.24
CA LEU B 210 0.51 9.63 27.40
C LEU B 210 -0.85 10.05 27.96
N CYS B 211 -1.96 9.53 27.43
CA CYS B 211 -3.30 9.89 27.90
C CYS B 211 -4.38 8.93 27.44
N ASP B 212 -5.65 9.21 27.76
CA ASP B 212 -6.75 8.34 27.41
C ASP B 212 -7.45 8.68 26.09
N ARG B 213 -6.96 9.70 25.37
CA ARG B 213 -7.57 10.09 24.09
C ARG B 213 -7.24 9.03 23.05
N ARG B 214 -8.08 8.85 22.01
CA ARG B 214 -7.76 7.90 20.94
C ARG B 214 -6.49 8.35 20.21
N ALA B 215 -5.77 7.38 19.71
CA ALA B 215 -4.54 7.65 18.98
C ALA B 215 -4.92 8.12 17.58
N THR B 216 -4.26 9.19 17.16
CA THR B 216 -4.40 9.80 15.83
C THR B 216 -3.07 9.78 15.04
N CYS B 217 -1.97 9.37 15.70
CA CYS B 217 -0.63 9.41 15.12
C CYS B 217 0.13 8.14 15.53
N PHE B 218 1.13 7.80 14.72
CA PHE B 218 1.97 6.65 15.00
C PHE B 218 3.41 7.05 14.72
N SER B 219 4.33 6.50 15.55
CA SER B 219 5.76 6.73 15.38
C SER B 219 6.51 5.48 15.01
N THR B 220 7.21 5.49 13.86
CA THR B 220 8.04 4.35 13.47
C THR B 220 9.36 4.33 14.31
N ALA B 221 9.68 5.43 15.03
CA ALA B 221 10.90 5.46 15.85
C ALA B 221 10.79 4.57 17.07
N SER B 222 9.61 4.55 17.71
CA SER B 222 9.38 3.81 18.92
C SER B 222 8.23 2.80 18.86
N ASP B 223 7.52 2.70 17.70
CA ASP B 223 6.32 1.87 17.55
C ASP B 223 5.28 2.23 18.62
N THR B 224 5.06 3.53 18.83
CA THR B 224 4.10 4.06 19.81
C THR B 224 3.03 4.90 19.12
N TYR B 225 1.95 5.17 19.88
CA TYR B 225 0.78 5.86 19.39
C TYR B 225 0.56 7.12 20.18
N ALA B 226 0.03 8.16 19.54
CA ALA B 226 -0.23 9.43 20.22
C ALA B 226 -1.48 10.08 19.68
N CYS B 227 -2.12 10.88 20.53
CA CYS B 227 -3.24 11.74 20.16
C CYS B 227 -2.62 13.05 19.53
N TRP B 228 -3.46 14.01 19.11
CA TRP B 228 -2.94 15.25 18.50
C TRP B 228 -2.09 16.10 19.49
N HIS B 229 -2.34 15.95 20.81
CA HIS B 229 -1.58 16.74 21.79
C HIS B 229 -0.17 16.22 22.05
N HIS B 230 0.03 14.90 21.87
CA HIS B 230 1.31 14.27 22.26
C HIS B 230 2.11 13.72 21.10
N SER B 231 1.87 14.22 19.89
CA SER B 231 2.47 13.66 18.69
C SER B 231 3.75 14.31 18.19
N ILE B 232 4.43 15.18 19.00
CA ILE B 232 5.63 15.84 18.47
C ILE B 232 6.68 14.80 18.03
N GLY B 233 7.19 14.96 16.81
CA GLY B 233 8.15 14.02 16.22
C GLY B 233 7.55 12.78 15.56
N PHE B 234 6.24 12.57 15.69
CA PHE B 234 5.55 11.41 15.09
C PHE B 234 5.50 11.53 13.58
N ASP B 235 5.67 10.39 12.86
CA ASP B 235 5.77 10.47 11.40
C ASP B 235 4.57 9.98 10.61
N TYR B 236 3.63 9.28 11.23
CA TYR B 236 2.45 8.79 10.47
C TYR B 236 1.10 9.22 11.08
N VAL B 237 0.14 9.49 10.18
CA VAL B 237 -1.26 9.73 10.58
C VAL B 237 -1.84 8.33 10.79
N TYR B 238 -2.50 8.09 11.91
CA TYR B 238 -3.02 6.75 12.25
C TYR B 238 -4.53 6.75 12.29
N ASN B 239 -5.16 5.80 11.59
CA ASN B 239 -6.62 5.70 11.53
C ASN B 239 -7.35 7.03 11.24
N PRO B 240 -6.98 7.70 10.16
CA PRO B 240 -7.78 8.87 9.76
C PRO B 240 -9.10 8.40 9.14
N PHE B 241 -10.05 9.34 9.05
CA PHE B 241 -11.31 9.07 8.37
C PHE B 241 -11.38 9.94 7.12
N MET B 242 -12.32 9.63 6.23
CA MET B 242 -12.39 10.38 4.97
C MET B 242 -13.74 10.24 4.32
N ILE B 243 -14.06 11.18 3.41
CA ILE B 243 -15.30 11.13 2.70
C ILE B 243 -15.09 11.73 1.32
N ASP B 244 -15.67 11.13 0.28
CA ASP B 244 -15.55 11.69 -1.07
C ASP B 244 -16.86 12.46 -1.38
N VAL B 245 -16.79 13.79 -1.37
CA VAL B 245 -17.89 14.73 -1.61
C VAL B 245 -18.52 14.52 -3.00
N GLN B 246 -17.69 14.17 -3.99
CA GLN B 246 -18.18 13.93 -5.35
C GLN B 246 -19.26 12.81 -5.39
N GLN B 247 -19.18 11.85 -4.46
CA GLN B 247 -20.17 10.77 -4.40
C GLN B 247 -21.52 11.23 -3.81
N TRP B 248 -21.74 12.55 -3.60
CA TRP B 248 -23.01 13.05 -3.04
C TRP B 248 -24.00 13.56 -4.12
N GLY B 249 -23.84 13.10 -5.36
CA GLY B 249 -24.77 13.49 -6.43
C GLY B 249 -24.40 14.65 -7.33
N PHE B 250 -23.20 15.23 -7.17
CA PHE B 250 -22.77 16.34 -8.03
C PHE B 250 -22.48 15.84 -9.47
N THR B 251 -22.65 16.69 -10.50
CA THR B 251 -22.48 16.23 -11.89
C THR B 251 -21.23 16.73 -12.63
N GLY B 252 -20.83 17.97 -12.39
CA GLY B 252 -19.66 18.52 -13.09
C GLY B 252 -18.41 18.50 -12.24
N ASN B 253 -17.47 19.41 -12.52
CA ASN B 253 -16.21 19.49 -11.79
C ASN B 253 -16.35 20.16 -10.41
N LEU B 254 -15.28 20.11 -9.59
CA LEU B 254 -15.28 20.70 -8.24
C LEU B 254 -15.60 22.19 -8.27
N GLN B 255 -14.90 22.96 -9.11
CA GLN B 255 -15.08 24.41 -9.12
C GLN B 255 -16.50 24.85 -9.42
N SER B 256 -17.15 24.20 -10.40
CA SER B 256 -18.51 24.57 -10.81
C SER B 256 -19.51 24.31 -9.68
N ASN B 257 -19.29 23.23 -8.89
CA ASN B 257 -20.20 22.93 -7.79
C ASN B 257 -19.91 23.84 -6.59
N HIS B 258 -18.64 24.11 -6.30
CA HIS B 258 -18.26 25.01 -5.22
C HIS B 258 -18.84 26.43 -5.46
N ASP B 259 -18.74 26.91 -6.71
CA ASP B 259 -19.18 28.25 -7.08
C ASP B 259 -20.70 28.47 -6.98
N LEU B 260 -21.49 27.39 -6.94
CA LEU B 260 -22.94 27.52 -6.76
C LEU B 260 -23.28 28.12 -5.38
N TYR B 261 -22.49 27.78 -4.36
CA TYR B 261 -22.74 28.22 -2.99
C TYR B 261 -21.79 29.31 -2.50
N CYS B 262 -20.63 29.45 -3.14
CA CYS B 262 -19.61 30.36 -2.64
C CYS B 262 -18.91 31.16 -3.72
N GLN B 263 -18.55 32.41 -3.38
CA GLN B 263 -17.83 33.30 -4.27
C GLN B 263 -16.55 33.89 -3.63
N VAL B 264 -16.27 33.60 -2.33
CA VAL B 264 -15.08 34.13 -1.67
C VAL B 264 -13.81 33.27 -1.90
N HIS B 265 -13.92 32.17 -2.66
CA HIS B 265 -12.77 31.32 -2.93
C HIS B 265 -12.51 31.23 -4.42
N GLY B 266 -11.78 32.21 -4.94
CA GLY B 266 -11.40 32.23 -6.34
C GLY B 266 -10.41 31.11 -6.61
N ASN B 267 -10.57 30.41 -7.74
CA ASN B 267 -9.69 29.30 -8.06
C ASN B 267 -8.29 29.78 -8.41
N ALA B 268 -7.32 29.61 -7.48
CA ALA B 268 -5.95 30.00 -7.77
C ALA B 268 -5.11 28.85 -8.40
N HIS B 269 -5.77 27.71 -8.74
CA HIS B 269 -5.20 26.53 -9.40
C HIS B 269 -3.94 25.96 -8.71
N VAL B 270 -4.08 25.57 -7.42
CA VAL B 270 -3.04 24.98 -6.56
C VAL B 270 -3.71 23.89 -5.71
N ALA B 271 -2.98 22.86 -5.26
CA ALA B 271 -3.54 21.79 -4.44
C ALA B 271 -4.29 22.33 -3.21
N SER B 272 -3.71 23.33 -2.51
CA SER B 272 -4.42 23.90 -1.35
C SER B 272 -5.72 24.57 -1.72
N CYS B 273 -5.80 25.22 -2.90
N CYS B 273 -5.79 25.19 -2.89
CA CYS B 273 -7.06 25.86 -3.31
CA CYS B 273 -7.00 25.85 -3.35
C CYS B 273 -8.12 24.80 -3.57
C CYS B 273 -8.10 24.83 -3.62
N ASP B 274 -7.74 23.67 -4.21
CA ASP B 274 -8.71 22.59 -4.44
C ASP B 274 -9.16 22.01 -3.09
N ALA B 275 -8.23 21.85 -2.17
CA ALA B 275 -8.53 21.39 -0.81
C ALA B 275 -9.50 22.34 -0.08
N ILE B 276 -9.26 23.67 -0.18
CA ILE B 276 -10.14 24.68 0.44
C ILE B 276 -11.54 24.64 -0.19
N MET B 277 -11.60 24.55 -1.53
CA MET B 277 -12.88 24.50 -2.27
C MET B 277 -13.69 23.24 -1.92
N THR B 278 -13.01 22.09 -1.75
CA THR B 278 -13.71 20.85 -1.42
C THR B 278 -14.33 20.91 -0.04
N ARG B 279 -13.57 21.42 0.97
CA ARG B 279 -14.12 21.53 2.32
C ARG B 279 -15.25 22.55 2.32
N CYS B 280 -15.04 23.69 1.66
CA CYS B 280 -16.05 24.73 1.59
C CYS B 280 -17.36 24.24 0.97
N LEU B 281 -17.28 23.51 -0.15
CA LEU B 281 -18.49 22.96 -0.78
C LEU B 281 -19.20 22.01 0.17
N ALA B 282 -18.46 21.12 0.86
CA ALA B 282 -19.09 20.20 1.80
C ALA B 282 -19.77 20.97 2.93
N VAL B 283 -19.15 22.06 3.41
CA VAL B 283 -19.73 22.85 4.48
C VAL B 283 -21.03 23.51 4.01
N HIS B 284 -21.03 24.09 2.80
CA HIS B 284 -22.27 24.72 2.30
C HIS B 284 -23.39 23.71 2.09
N GLU B 285 -23.05 22.54 1.54
CA GLU B 285 -24.03 21.47 1.33
C GLU B 285 -24.66 20.94 2.59
N CYS B 286 -23.89 20.79 3.67
CA CYS B 286 -24.43 20.20 4.91
C CYS B 286 -24.94 21.18 5.94
N PHE B 287 -24.53 22.47 5.88
CA PHE B 287 -24.84 23.38 6.97
C PHE B 287 -25.53 24.67 6.63
N VAL B 288 -25.51 25.08 5.37
CA VAL B 288 -26.10 26.34 4.95
C VAL B 288 -27.53 26.18 4.40
N LYS B 289 -28.52 26.86 5.03
CA LYS B 289 -29.96 26.78 4.66
C LYS B 289 -30.55 25.38 4.89
#